data_2VKP
#
_entry.id   2VKP
#
_cell.length_a   58.135
_cell.length_b   58.135
_cell.length_c   332.456
_cell.angle_alpha   90.00
_cell.angle_beta   90.00
_cell.angle_gamma   120.00
#
_symmetry.space_group_name_H-M   'P 65 2 2'
#
loop_
_entity.id
_entity.type
_entity.pdbx_description
1 polymer 'BTB/POZ DOMAIN-CONTAINING PROTEIN 6'
2 non-polymer 'POTASSIUM ION'
3 non-polymer 1,2-ETHANEDIOL
4 water water
#
_entity_poly.entity_id   1
_entity_poly.type   'polypeptide(L)'
_entity_poly.pdbx_seq_one_letter_code
;S(MSE)FNNEL(MSE)ADVHFVVGPPGATRTVPAHKYVLAVGSSVFYA(MSE)FYGDLAEVKSEIHIPDVEPAAFLILLK
Y(MSE)YSDEIDLEADTVLATLYAAKKYIVPALAKACVNFLETSL
;
_entity_poly.pdbx_strand_id   A,B
#
# COMPACT_ATOMS: atom_id res chain seq x y z
N SER A 1 -8.71 -28.25 -2.93
CA SER A 1 -7.23 -28.14 -2.91
C SER A 1 -6.68 -27.89 -4.30
N PHE A 3 -6.45 -24.84 -5.19
CA PHE A 3 -5.75 -23.60 -4.89
C PHE A 3 -4.26 -23.84 -4.80
N ASN A 4 -3.50 -23.04 -5.55
CA ASN A 4 -2.04 -23.11 -5.59
C ASN A 4 -1.53 -24.49 -6.06
N ASN A 5 -2.34 -25.19 -6.84
CA ASN A 5 -2.01 -26.52 -7.32
C ASN A 5 -1.57 -26.49 -8.80
N GLU A 6 -0.46 -27.13 -9.10
CA GLU A 6 0.00 -27.25 -10.50
C GLU A 6 -0.92 -28.16 -11.35
N LEU A 7 -1.69 -29.01 -10.67
CA LEU A 7 -2.62 -29.95 -11.35
C LEU A 7 -3.66 -29.15 -12.09
N ALA A 9 -3.23 -26.66 -13.95
CA ALA A 9 -2.99 -25.22 -13.94
C ALA A 9 -2.76 -24.77 -15.37
N ASP A 10 -3.48 -23.75 -15.80
CA ASP A 10 -3.35 -23.26 -17.17
C ASP A 10 -2.76 -21.86 -17.23
N VAL A 11 -2.39 -21.33 -16.07
CA VAL A 11 -1.74 -20.03 -15.99
C VAL A 11 -0.79 -20.00 -14.81
N HIS A 12 0.33 -19.31 -15.00
CA HIS A 12 1.30 -19.07 -13.93
C HIS A 12 1.54 -17.57 -13.79
N PHE A 13 1.58 -17.10 -12.56
CA PHE A 13 1.80 -15.71 -12.29
C PHE A 13 3.12 -15.57 -11.67
N VAL A 14 3.90 -14.63 -12.18
CA VAL A 14 5.20 -14.29 -11.59
C VAL A 14 4.94 -13.01 -10.82
N VAL A 15 4.89 -13.15 -9.51
CA VAL A 15 4.36 -12.11 -8.62
C VAL A 15 5.45 -11.53 -7.73
N GLY A 16 5.51 -10.20 -7.70
CA GLY A 16 6.45 -9.45 -6.91
C GLY A 16 7.54 -8.79 -7.72
N PRO A 17 8.34 -7.96 -7.05
CA PRO A 17 9.48 -7.33 -7.71
C PRO A 17 10.43 -8.32 -8.33
N PRO A 18 10.93 -8.05 -9.56
CA PRO A 18 11.96 -8.90 -10.14
C PRO A 18 13.11 -9.14 -9.17
N GLY A 19 13.50 -10.39 -8.99
CA GLY A 19 14.55 -10.74 -8.03
C GLY A 19 13.99 -11.15 -6.69
N ALA A 20 12.70 -10.97 -6.48
CA ALA A 20 12.05 -11.33 -5.21
C ALA A 20 10.61 -11.75 -5.52
N THR A 21 10.48 -12.59 -6.54
CA THR A 21 9.17 -13.04 -7.02
C THR A 21 8.80 -14.40 -6.46
N ARG A 22 7.54 -14.72 -6.63
CA ARG A 22 7.06 -16.05 -6.39
C ARG A 22 6.18 -16.38 -7.59
N THR A 23 6.31 -17.62 -8.07
CA THR A 23 5.53 -18.12 -9.21
C THR A 23 4.39 -18.93 -8.65
N VAL A 24 3.19 -18.61 -9.11
CA VAL A 24 2.00 -19.18 -8.52
C VAL A 24 1.14 -19.75 -9.66
N PRO A 25 0.84 -21.06 -9.59
CA PRO A 25 -0.02 -21.69 -10.59
C PRO A 25 -1.48 -21.33 -10.30
N ALA A 26 -2.28 -21.24 -11.36
CA ALA A 26 -3.70 -20.96 -11.15
C ALA A 26 -4.54 -21.50 -12.29
N HIS A 27 -5.85 -21.38 -12.10
CA HIS A 27 -6.83 -21.90 -13.03
C HIS A 27 -7.74 -20.78 -13.53
N LYS A 28 -7.66 -20.55 -14.85
CA LYS A 28 -8.25 -19.40 -15.52
C LYS A 28 -9.72 -19.35 -15.24
N TYR A 29 -10.39 -20.50 -15.26
CA TYR A 29 -11.82 -20.61 -14.94
C TYR A 29 -12.17 -19.99 -13.59
N VAL A 30 -11.48 -20.40 -12.53
CA VAL A 30 -11.77 -19.96 -11.18
C VAL A 30 -11.55 -18.45 -11.03
N LEU A 31 -10.45 -17.97 -11.59
CA LEU A 31 -10.10 -16.54 -11.54
C LEU A 31 -11.11 -15.70 -12.32
N ALA A 32 -11.48 -16.14 -13.53
CA ALA A 32 -12.39 -15.42 -14.40
C ALA A 32 -13.82 -15.34 -13.80
N VAL A 33 -14.24 -16.40 -13.13
CA VAL A 33 -15.54 -16.39 -12.44
C VAL A 33 -15.53 -15.37 -11.29
N GLY A 34 -14.44 -15.20 -10.57
CA GLY A 34 -14.39 -14.27 -9.44
C GLY A 34 -14.05 -12.82 -9.76
N SER A 35 -13.71 -12.51 -11.01
CA SER A 35 -13.13 -11.21 -11.34
C SER A 35 -13.33 -10.80 -12.80
N SER A 36 -13.87 -9.60 -12.99
CA SER A 36 -14.06 -9.05 -14.35
C SER A 36 -12.69 -8.78 -15.03
N VAL A 37 -11.67 -8.54 -14.23
CA VAL A 37 -10.38 -8.25 -14.80
C VAL A 37 -9.76 -9.53 -15.32
N PHE A 38 -9.86 -10.60 -14.55
CA PHE A 38 -9.35 -11.87 -15.02
C PHE A 38 -10.18 -12.41 -16.18
N TYR A 39 -11.50 -12.19 -16.16
CA TYR A 39 -12.32 -12.54 -17.31
C TYR A 39 -11.86 -11.85 -18.59
N ALA A 40 -11.66 -10.55 -18.53
CA ALA A 40 -11.22 -9.80 -19.69
C ALA A 40 -9.87 -10.33 -20.19
N PHE A 42 -8.34 -13.49 -19.74
CA PHE A 42 -8.35 -14.85 -20.25
C PHE A 42 -9.42 -15.16 -21.29
N TYR A 43 -10.54 -14.45 -21.23
CA TYR A 43 -11.69 -14.64 -22.14
C TYR A 43 -12.07 -13.27 -22.75
N LYS A 50 -1.42 -15.80 -23.68
CA LYS A 50 -0.24 -16.08 -22.86
C LYS A 50 -0.61 -16.79 -21.56
N SER A 51 0.32 -17.62 -21.09
CA SER A 51 0.06 -18.46 -19.94
C SER A 51 0.99 -18.10 -18.79
N GLU A 52 1.90 -17.14 -18.98
CA GLU A 52 2.72 -16.67 -17.85
C GLU A 52 2.58 -15.16 -17.73
N ILE A 53 2.04 -14.72 -16.59
CA ILE A 53 1.66 -13.34 -16.36
C ILE A 53 2.53 -12.75 -15.25
N HIS A 54 3.14 -11.59 -15.52
CA HIS A 54 4.01 -10.96 -14.53
C HIS A 54 3.21 -9.86 -13.85
N ILE A 55 3.16 -9.90 -12.52
CA ILE A 55 2.51 -8.83 -11.71
C ILE A 55 3.50 -8.31 -10.62
N PRO A 56 4.45 -7.46 -11.07
CA PRO A 56 5.54 -6.98 -10.22
C PRO A 56 5.02 -5.99 -9.15
N ASP A 57 3.83 -5.45 -9.36
CA ASP A 57 3.23 -4.47 -8.43
C ASP A 57 2.44 -5.08 -7.26
N VAL A 58 2.30 -6.41 -7.24
CA VAL A 58 1.52 -7.11 -6.22
C VAL A 58 2.43 -7.92 -5.32
N GLU A 59 2.11 -7.94 -4.02
CA GLU A 59 2.83 -8.80 -3.08
C GLU A 59 2.39 -10.25 -3.19
N PRO A 60 3.35 -11.18 -3.37
CA PRO A 60 2.99 -12.61 -3.38
C PRO A 60 2.04 -13.04 -2.25
N ALA A 61 2.31 -12.62 -1.02
CA ALA A 61 1.44 -12.99 0.09
C ALA A 61 0.01 -12.50 -0.09
N ALA A 62 -0.14 -11.30 -0.60
CA ALA A 62 -1.47 -10.76 -0.89
C ALA A 62 -2.13 -11.52 -2.03
N PHE A 63 -1.37 -11.83 -3.07
CA PHE A 63 -1.96 -12.53 -4.22
C PHE A 63 -2.51 -13.90 -3.80
N LEU A 64 -1.82 -14.56 -2.88
CA LEU A 64 -2.22 -15.87 -2.39
C LEU A 64 -3.48 -15.79 -1.57
N ILE A 65 -3.61 -14.72 -0.78
CA ILE A 65 -4.82 -14.52 0.00
C ILE A 65 -6.00 -14.27 -0.94
N LEU A 66 -5.77 -13.49 -1.98
CA LEU A 66 -6.82 -13.25 -2.98
C LEU A 66 -7.26 -14.54 -3.63
N LEU A 67 -6.29 -15.33 -4.07
CA LEU A 67 -6.62 -16.59 -4.75
C LEU A 67 -7.36 -17.55 -3.81
N LYS A 68 -6.91 -17.66 -2.56
CA LYS A 68 -7.61 -18.56 -1.65
C LYS A 68 -9.08 -18.22 -1.58
N TYR A 69 -9.37 -16.92 -1.54
CA TYR A 69 -10.76 -16.46 -1.51
C TYR A 69 -11.47 -16.92 -2.75
N TYR A 71 -10.95 -19.39 -4.77
CA TYR A 71 -11.16 -20.83 -4.85
C TYR A 71 -12.12 -21.30 -3.79
N SER A 72 -12.00 -20.77 -2.57
CA SER A 72 -12.67 -21.32 -1.37
C SER A 72 -13.75 -20.46 -0.70
N ASP A 73 -13.82 -19.19 -1.07
CA ASP A 73 -14.57 -18.18 -0.37
C ASP A 73 -14.11 -17.94 1.06
N GLU A 74 -12.92 -18.34 1.42
CA GLU A 74 -12.45 -18.12 2.77
C GLU A 74 -11.59 -16.87 2.73
N ILE A 75 -11.76 -15.98 3.71
CA ILE A 75 -10.96 -14.75 3.79
C ILE A 75 -10.15 -14.80 5.08
N ASP A 76 -8.84 -14.82 4.96
CA ASP A 76 -7.95 -14.93 6.11
C ASP A 76 -6.98 -13.74 6.13
N LEU A 77 -7.30 -12.71 6.92
CA LEU A 77 -6.54 -11.47 6.89
C LEU A 77 -5.64 -11.32 8.11
N GLU A 78 -4.57 -10.55 7.97
CA GLU A 78 -3.75 -10.17 9.09
C GLU A 78 -3.27 -8.77 8.92
N ALA A 79 -2.77 -8.18 9.98
CA ALA A 79 -2.36 -6.77 10.01
C ALA A 79 -1.26 -6.46 9.03
N ASP A 80 -0.33 -7.42 8.89
CA ASP A 80 0.82 -7.22 8.01
C ASP A 80 0.52 -7.48 6.56
N THR A 81 -0.63 -8.06 6.23
CA THR A 81 -0.91 -8.37 4.83
C THR A 81 -2.15 -7.65 4.31
N VAL A 82 -2.94 -7.04 5.21
CA VAL A 82 -4.27 -6.45 4.80
C VAL A 82 -4.17 -5.33 3.77
N LEU A 83 -3.17 -4.46 3.88
CA LEU A 83 -3.09 -3.37 2.89
C LEU A 83 -2.76 -3.89 1.53
N ALA A 84 -1.80 -4.80 1.49
CA ALA A 84 -1.40 -5.39 0.20
C ALA A 84 -2.54 -6.24 -0.43
N THR A 85 -3.30 -6.91 0.41
CA THR A 85 -4.48 -7.67 -0.05
C THR A 85 -5.51 -6.72 -0.59
N LEU A 86 -5.74 -5.58 0.08
CA LEU A 86 -6.68 -4.59 -0.43
C LEU A 86 -6.25 -4.06 -1.79
N TYR A 87 -4.98 -3.77 -1.98
CA TYR A 87 -4.49 -3.35 -3.28
C TYR A 87 -4.86 -4.39 -4.36
N ALA A 88 -4.60 -5.65 -4.06
CA ALA A 88 -4.86 -6.74 -5.02
C ALA A 88 -6.36 -6.88 -5.30
N ALA A 89 -7.18 -6.79 -4.26
CA ALA A 89 -8.62 -6.91 -4.37
C ALA A 89 -9.18 -5.77 -5.21
N LYS A 90 -8.62 -4.55 -5.07
CA LYS A 90 -9.05 -3.41 -5.88
C LYS A 90 -8.56 -3.59 -7.32
N LYS A 91 -7.33 -4.05 -7.49
CA LYS A 91 -6.74 -4.26 -8.80
C LYS A 91 -7.54 -5.25 -9.63
N TYR A 92 -7.99 -6.33 -9.02
CA TYR A 92 -8.77 -7.35 -9.76
C TYR A 92 -10.25 -7.22 -9.59
N ILE A 93 -10.68 -6.18 -8.88
CA ILE A 93 -12.12 -5.88 -8.69
C ILE A 93 -12.85 -7.04 -8.01
N VAL A 94 -12.44 -7.34 -6.78
CA VAL A 94 -13.03 -8.40 -5.98
C VAL A 94 -13.64 -7.73 -4.77
N PRO A 95 -14.89 -7.25 -4.91
CA PRO A 95 -15.44 -6.37 -3.89
C PRO A 95 -15.67 -6.96 -2.50
N ALA A 96 -16.05 -8.23 -2.42
CA ALA A 96 -16.26 -8.85 -1.14
C ALA A 96 -14.95 -8.93 -0.37
N LEU A 97 -13.86 -9.13 -1.07
CA LEU A 97 -12.59 -9.21 -0.38
C LEU A 97 -12.13 -7.81 0.01
N ALA A 98 -12.31 -6.84 -0.90
CA ALA A 98 -12.00 -5.46 -0.58
C ALA A 98 -12.80 -4.99 0.65
N LYS A 99 -14.10 -5.31 0.71
CA LYS A 99 -14.93 -4.89 1.86
C LYS A 99 -14.43 -5.47 3.14
N ALA A 100 -14.06 -6.74 3.10
CA ALA A 100 -13.51 -7.41 4.29
C ALA A 100 -12.24 -6.75 4.76
N CYS A 101 -11.41 -6.26 3.83
CA CYS A 101 -10.14 -5.63 4.22
C CYS A 101 -10.42 -4.29 4.90
N VAL A 102 -11.35 -3.52 4.34
CA VAL A 102 -11.65 -2.20 4.89
C VAL A 102 -12.28 -2.40 6.27
N ASN A 103 -13.17 -3.40 6.40
CA ASN A 103 -13.74 -3.76 7.74
C ASN A 103 -12.66 -4.12 8.75
N PHE A 104 -11.67 -4.89 8.32
CA PHE A 104 -10.56 -5.30 9.20
C PHE A 104 -9.77 -4.08 9.67
N LEU A 105 -9.48 -3.19 8.72
CA LEU A 105 -8.78 -1.97 8.98
C LEU A 105 -9.55 -1.10 9.97
N GLU A 106 -10.86 -0.98 9.77
CA GLU A 106 -11.69 -0.17 10.70
C GLU A 106 -11.58 -0.73 12.12
N THR A 107 -11.73 -2.04 12.23
CA THR A 107 -11.61 -2.75 13.52
C THR A 107 -10.27 -2.53 14.19
N SER A 108 -9.23 -2.37 13.38
CA SER A 108 -7.85 -2.27 13.88
C SER A 108 -7.50 -0.87 14.38
N LEU A 109 -8.27 0.15 13.96
CA LEU A 109 -8.05 1.53 14.42
C LEU A 109 -8.11 1.57 15.95
N SER B 1 3.57 29.23 2.99
CA SER B 1 3.54 28.09 3.93
C SER B 1 4.92 27.39 4.03
N PHE B 3 5.17 24.13 4.56
CA PHE B 3 4.95 22.84 3.89
C PHE B 3 5.64 22.80 2.53
N ASN B 4 6.49 21.79 2.31
CA ASN B 4 7.16 21.61 1.02
C ASN B 4 7.93 22.86 0.61
N ASN B 5 8.45 23.60 1.59
CA ASN B 5 9.23 24.84 1.32
C ASN B 5 10.69 24.58 1.62
N GLU B 6 11.60 24.98 0.75
CA GLU B 6 13.03 24.88 0.97
C GLU B 6 13.47 25.84 2.08
N LEU B 7 12.70 26.90 2.32
CA LEU B 7 13.03 27.86 3.39
C LEU B 7 13.12 27.12 4.71
N ALA B 9 14.56 24.49 5.47
CA ALA B 9 14.45 23.02 5.43
C ALA B 9 15.75 22.44 5.99
N ASP B 10 15.64 21.52 6.93
CA ASP B 10 16.83 20.90 7.52
C ASP B 10 16.91 19.41 7.14
N VAL B 11 15.97 18.93 6.35
CA VAL B 11 16.03 17.57 5.81
C VAL B 11 15.39 17.52 4.46
N HIS B 12 15.91 16.65 3.59
CA HIS B 12 15.28 16.35 2.31
C HIS B 12 14.99 14.86 2.19
N PHE B 13 13.74 14.54 1.88
CA PHE B 13 13.35 13.17 1.57
C PHE B 13 13.32 12.93 0.08
N VAL B 14 13.96 11.83 -0.34
CA VAL B 14 13.95 11.37 -1.70
C VAL B 14 12.90 10.22 -1.70
N VAL B 15 11.71 10.52 -2.19
CA VAL B 15 10.55 9.65 -1.96
C VAL B 15 10.21 8.91 -3.23
N GLY B 16 9.92 7.60 -3.11
CA GLY B 16 9.41 6.85 -4.25
C GLY B 16 10.36 5.75 -4.72
N PRO B 17 9.89 4.92 -5.66
CA PRO B 17 10.73 3.84 -6.19
C PRO B 17 11.82 4.39 -7.10
N PRO B 18 12.94 3.65 -7.23
CA PRO B 18 14.04 4.19 -8.04
C PRO B 18 13.59 4.60 -9.45
N GLY B 19 14.06 5.75 -9.93
CA GLY B 19 13.69 6.24 -11.27
C GLY B 19 12.38 7.04 -11.32
N ALA B 20 11.72 7.15 -10.18
CA ALA B 20 10.43 7.82 -10.11
C ALA B 20 10.31 8.45 -8.73
N THR B 21 11.37 9.12 -8.31
CA THR B 21 11.43 9.73 -7.00
C THR B 21 11.05 11.22 -7.08
N ARG B 22 10.72 11.75 -5.92
CA ARG B 22 10.55 13.18 -5.79
C ARG B 22 11.29 13.56 -4.55
N THR B 23 12.01 14.69 -4.58
CA THR B 23 12.73 15.20 -3.43
C THR B 23 11.90 16.27 -2.74
N VAL B 24 11.64 16.05 -1.45
CA VAL B 24 10.69 16.87 -0.68
C VAL B 24 11.49 17.48 0.49
N PRO B 25 11.59 18.82 0.56
CA PRO B 25 12.17 19.46 1.74
C PRO B 25 11.24 19.41 2.92
N ALA B 26 11.79 19.27 4.13
CA ALA B 26 10.95 19.27 5.29
C ALA B 26 11.67 19.82 6.52
N HIS B 27 10.94 19.88 7.61
CA HIS B 27 11.43 20.50 8.83
C HIS B 27 11.29 19.52 9.96
N LYS B 28 12.43 19.11 10.55
CA LYS B 28 12.45 18.02 11.54
C LYS B 28 11.51 18.31 12.71
N TYR B 29 11.40 19.58 13.10
CA TYR B 29 10.55 19.98 14.21
C TYR B 29 9.07 19.62 13.98
N VAL B 30 8.56 19.97 12.81
CA VAL B 30 7.15 19.75 12.49
C VAL B 30 6.88 18.23 12.45
N LEU B 31 7.81 17.50 11.86
CA LEU B 31 7.62 16.07 11.68
C LEU B 31 7.68 15.33 13.02
N ALA B 32 8.60 15.73 13.90
CA ALA B 32 8.79 15.02 15.17
C ALA B 32 7.64 15.28 16.12
N VAL B 33 7.13 16.52 16.11
CA VAL B 33 5.94 16.88 16.86
C VAL B 33 4.73 16.05 16.44
N GLY B 34 4.65 15.73 15.15
CA GLY B 34 3.51 15.02 14.59
C GLY B 34 3.59 13.49 14.59
N SER B 35 4.76 12.92 14.90
CA SER B 35 4.97 11.49 14.71
C SER B 35 6.08 10.96 15.60
N SER B 36 5.78 9.92 16.38
CA SER B 36 6.76 9.25 17.21
C SER B 36 7.86 8.58 16.40
N VAL B 37 7.56 8.23 15.17
CA VAL B 37 8.55 7.65 14.26
C VAL B 37 9.55 8.70 13.69
N PHE B 38 9.05 9.85 13.25
CA PHE B 38 9.97 10.91 12.94
C PHE B 38 10.71 11.44 14.16
N TYR B 39 10.06 11.44 15.31
CA TYR B 39 10.77 11.82 16.53
C TYR B 39 11.98 10.91 16.74
N ALA B 40 11.79 9.62 16.52
CA ALA B 40 12.82 8.61 16.83
C ALA B 40 14.00 8.82 15.88
N PHE B 42 14.90 11.63 14.34
CA PHE B 42 15.55 12.92 14.45
C PHE B 42 16.01 13.30 15.86
N TYR B 43 15.27 12.87 16.88
CA TYR B 43 15.52 13.28 18.24
C TYR B 43 15.81 12.14 19.18
N GLY B 44 15.56 10.90 18.77
CA GLY B 44 15.70 9.76 19.65
C GLY B 44 17.13 9.28 19.83
N ASP B 45 17.30 8.27 20.66
CA ASP B 45 18.65 7.83 21.06
C ASP B 45 19.50 7.27 19.91
N LEU B 46 18.85 6.79 18.86
CA LEU B 46 19.54 6.16 17.77
C LEU B 46 19.47 7.01 16.52
N ALA B 47 19.13 8.28 16.70
CA ALA B 47 19.06 9.23 15.61
C ALA B 47 20.48 9.42 15.01
N GLU B 48 20.59 9.50 13.68
CA GLU B 48 21.86 9.70 12.97
C GLU B 48 21.63 10.90 12.07
N VAL B 49 22.57 11.84 12.04
CA VAL B 49 22.35 13.03 11.24
C VAL B 49 22.41 12.70 9.77
N LYS B 50 21.37 13.09 9.05
CA LYS B 50 21.24 12.73 7.67
C LYS B 50 20.58 13.88 6.96
N SER B 51 21.31 14.49 6.02
CA SER B 51 20.77 15.56 5.15
C SER B 51 19.65 15.09 4.21
N GLU B 52 19.80 13.87 3.72
CA GLU B 52 18.95 13.29 2.67
C GLU B 52 18.50 11.95 3.19
N ILE B 53 17.20 11.72 3.21
CA ILE B 53 16.65 10.43 3.65
C ILE B 53 15.85 9.81 2.50
N HIS B 54 16.11 8.54 2.21
CA HIS B 54 15.40 7.87 1.15
C HIS B 54 14.22 7.08 1.74
N ILE B 55 13.09 7.15 1.04
CA ILE B 55 11.88 6.45 1.41
C ILE B 55 11.37 5.79 0.12
N PRO B 56 11.96 4.64 -0.23
CA PRO B 56 11.65 3.97 -1.50
C PRO B 56 10.24 3.34 -1.54
N ASP B 57 9.66 3.09 -0.37
CA ASP B 57 8.46 2.28 -0.26
C ASP B 57 7.19 3.12 -0.15
N VAL B 58 7.37 4.45 -0.12
CA VAL B 58 6.26 5.43 -0.05
C VAL B 58 6.07 6.14 -1.40
N GLU B 59 4.82 6.41 -1.80
CA GLU B 59 4.59 7.19 -3.03
C GLU B 59 4.73 8.67 -2.72
N PRO B 60 5.34 9.44 -3.63
CA PRO B 60 5.51 10.87 -3.41
C PRO B 60 4.21 11.61 -3.12
N ALA B 61 3.15 11.34 -3.88
CA ALA B 61 1.90 12.01 -3.64
C ALA B 61 1.40 11.74 -2.23
N ALA B 62 1.48 10.47 -1.82
CA ALA B 62 1.10 10.06 -0.48
C ALA B 62 1.88 10.77 0.63
N PHE B 63 3.19 10.89 0.42
CA PHE B 63 4.07 11.49 1.42
C PHE B 63 3.71 12.98 1.57
N LEU B 64 3.43 13.65 0.45
CA LEU B 64 3.05 15.06 0.47
C LEU B 64 1.72 15.29 1.16
N ILE B 65 0.78 14.35 1.01
CA ILE B 65 -0.50 14.41 1.75
C ILE B 65 -0.26 14.26 3.26
N LEU B 66 0.62 13.33 3.64
CA LEU B 66 0.95 13.13 5.03
C LEU B 66 1.53 14.41 5.62
N LEU B 67 2.52 14.97 4.93
CA LEU B 67 3.18 16.19 5.42
C LEU B 67 2.24 17.38 5.43
N LYS B 68 1.40 17.52 4.43
CA LYS B 68 0.39 18.60 4.47
C LYS B 68 -0.40 18.55 5.77
N TYR B 69 -0.78 17.36 6.21
CA TYR B 69 -1.56 17.19 7.42
C TYR B 69 -0.69 17.59 8.63
N TYR B 71 1.89 19.72 8.77
CA TYR B 71 2.07 21.18 8.79
C TYR B 71 0.80 21.98 9.08
N SER B 72 -0.33 21.55 8.54
CA SER B 72 -1.56 22.39 8.49
C SER B 72 -2.78 21.82 9.16
N ASP B 73 -2.77 20.52 9.51
CA ASP B 73 -3.92 19.82 10.04
C ASP B 73 -5.05 19.53 9.02
N GLU B 74 -4.78 19.83 7.77
CA GLU B 74 -5.70 19.60 6.68
C GLU B 74 -5.47 18.22 6.09
N ILE B 75 -6.55 17.50 5.81
CA ILE B 75 -6.48 16.18 5.17
C ILE B 75 -6.98 16.32 3.76
N ASP B 76 -6.12 16.06 2.80
CA ASP B 76 -6.41 16.25 1.39
C ASP B 76 -6.28 14.97 0.57
N LEU B 77 -7.11 14.01 0.90
CA LEU B 77 -7.13 12.70 0.23
C LEU B 77 -7.71 12.73 -1.15
N GLU B 78 -7.26 11.78 -1.96
CA GLU B 78 -7.82 11.54 -3.30
C GLU B 78 -7.94 10.04 -3.52
N ALA B 79 -8.94 9.64 -4.29
CA ALA B 79 -9.15 8.23 -4.60
C ALA B 79 -7.89 7.49 -5.12
N ASP B 80 -7.14 8.14 -5.98
CA ASP B 80 -5.95 7.56 -6.62
C ASP B 80 -4.82 7.30 -5.67
N THR B 81 -4.81 7.99 -4.53
CA THR B 81 -3.65 7.86 -3.63
C THR B 81 -4.02 7.47 -2.21
N VAL B 82 -5.30 7.27 -1.92
CA VAL B 82 -5.71 7.06 -0.51
C VAL B 82 -5.09 5.81 0.08
N LEU B 83 -4.99 4.74 -0.71
CA LEU B 83 -4.43 3.52 -0.18
C LEU B 83 -2.94 3.75 0.16
N ALA B 84 -2.18 4.38 -0.75
CA ALA B 84 -0.76 4.70 -0.49
C ALA B 84 -0.62 5.67 0.70
N THR B 85 -1.57 6.56 0.86
CA THR B 85 -1.58 7.47 2.04
C THR B 85 -1.81 6.71 3.32
N LEU B 86 -2.66 5.70 3.27
CA LEU B 86 -2.91 4.91 4.49
C LEU B 86 -1.66 4.15 4.88
N TYR B 87 -0.96 3.65 3.89
CA TYR B 87 0.33 3.00 4.16
C TYR B 87 1.29 3.97 4.87
N ALA B 88 1.42 5.19 4.35
CA ALA B 88 2.31 6.22 4.94
C ALA B 88 1.88 6.59 6.36
N ALA B 89 0.59 6.69 6.58
CA ALA B 89 0.02 7.07 7.90
C ALA B 89 0.23 5.99 8.96
N LYS B 90 0.16 4.73 8.51
CA LYS B 90 0.41 3.62 9.39
C LYS B 90 1.90 3.59 9.65
N LYS B 91 2.68 3.73 8.59
CA LYS B 91 4.10 3.70 8.71
C LYS B 91 4.71 4.73 9.69
N TYR B 92 4.17 5.94 9.72
CA TYR B 92 4.71 7.00 10.58
C TYR B 92 3.89 7.19 11.81
N ILE B 93 2.90 6.34 12.01
CA ILE B 93 2.03 6.34 13.18
C ILE B 93 1.32 7.67 13.37
N VAL B 94 0.55 8.00 12.35
CA VAL B 94 -0.32 9.19 12.35
C VAL B 94 -1.78 8.70 12.32
N PRO B 95 -2.39 8.46 13.48
CA PRO B 95 -3.67 7.76 13.47
C PRO B 95 -4.87 8.57 13.02
N ALA B 96 -4.82 9.90 13.16
CA ALA B 96 -6.00 10.67 12.75
C ALA B 96 -6.10 10.58 11.22
N LEU B 97 -4.94 10.55 10.58
CA LEU B 97 -4.85 10.45 9.12
C LEU B 97 -5.21 9.02 8.68
N ALA B 98 -4.70 8.03 9.40
CA ALA B 98 -5.07 6.62 9.14
C ALA B 98 -6.61 6.44 9.12
N LYS B 99 -7.26 6.97 10.16
CA LYS B 99 -8.70 6.84 10.32
C LYS B 99 -9.42 7.48 9.16
N ALA B 100 -8.99 8.68 8.77
CA ALA B 100 -9.63 9.40 7.67
C ALA B 100 -9.48 8.62 6.36
N CYS B 101 -8.33 7.98 6.14
CA CYS B 101 -8.12 7.11 4.96
C CYS B 101 -9.07 5.94 4.97
N VAL B 102 -9.30 5.34 6.14
CA VAL B 102 -10.20 4.17 6.23
C VAL B 102 -11.64 4.57 5.95
N ASN B 103 -12.06 5.69 6.54
CA ASN B 103 -13.40 6.20 6.31
C ASN B 103 -13.56 6.53 4.85
N PHE B 104 -12.52 7.11 4.26
CA PHE B 104 -12.55 7.44 2.81
C PHE B 104 -12.68 6.18 1.93
N LEU B 105 -11.94 5.15 2.27
CA LEU B 105 -12.04 3.88 1.56
C LEU B 105 -13.42 3.30 1.71
N GLU B 106 -13.98 3.35 2.93
CA GLU B 106 -15.35 2.84 3.16
C GLU B 106 -16.39 3.53 2.30
N THR B 107 -16.21 4.83 2.06
CA THR B 107 -17.29 5.66 1.48
C THR B 107 -17.04 6.14 0.09
N SER B 108 -16.06 5.55 -0.57
CA SER B 108 -15.75 5.96 -1.92
C SER B 108 -16.05 4.85 -2.89
N LEU B 109 -16.26 5.21 -4.15
CA LEU B 109 -16.53 4.22 -5.17
C LEU B 109 -15.31 3.26 -5.25
#